data_4DDM
#
_entry.id   4DDM
#
_cell.length_a   48.450
_cell.length_b   71.040
_cell.length_c   81.970
_cell.angle_alpha   90.00
_cell.angle_beta   99.49
_cell.angle_gamma   90.00
#
_symmetry.space_group_name_H-M   'P 1 21 1'
#
loop_
_entity.id
_entity.type
_entity.pdbx_description
1 polymer 'Pantothenate synthetase'
2 non-polymer GLYCEROL
3 non-polymer ETHANOL
4 non-polymer '2,1,3-benzothiadiazole-5-carboxylic acid'
5 non-polymer 1,2-ETHANEDIOL
6 water water
#
_entity_poly.entity_id   1
_entity_poly.type   'polypeptide(L)'
_entity_poly.pdbx_seq_one_letter_code
;MAIPAFHPGELNVYSAPGDVADVSRALRLTGRRVMLVPTMGALHEGHLALVRAAKRVPGSVVVVSIFVNPMQFGAGGDLD
AYPRTPDDDLAQLRAEGVEIAFTPTTAAMYPDGLRTTVQPGPLAAELEGGPRPTHFAGVLTVVLKLLQIVRPDRVFFGEK
DYQQLVLIRQLVADFNLDVAVVGVPTVREADGLAMSSRNRYLDPAQRAAAVALSAALTAAAHAATAGAQAALDAARAVLD
AAPGVAVDYLELRDIGLGPMPLNGSGRLLVAARLGTTRLLDNIAIEIGTFAGTDRPDGYRA
;
_entity_poly.pdbx_strand_id   A,B
#
# COMPACT_ATOMS: atom_id res chain seq x y z
N ILE A 3 -4.51 19.13 17.01
CA ILE A 3 -4.23 18.12 18.08
C ILE A 3 -5.41 18.08 19.10
N PRO A 4 -6.07 16.90 19.25
CA PRO A 4 -6.99 16.67 20.37
C PRO A 4 -6.18 16.66 21.67
N ALA A 5 -6.81 16.62 22.83
CA ALA A 5 -6.02 16.49 24.06
C ALA A 5 -5.11 15.25 24.07
N PHE A 6 -3.87 15.44 24.54
CA PHE A 6 -2.97 14.34 24.93
C PHE A 6 -2.44 14.53 26.35
N HIS A 7 -2.97 13.73 27.27
CA HIS A 7 -2.53 13.75 28.66
C HIS A 7 -1.40 12.74 28.88
N PRO A 8 -0.14 13.22 28.95
CA PRO A 8 0.99 12.34 29.19
C PRO A 8 0.90 11.56 30.51
N GLY A 9 1.55 10.39 30.53
CA GLY A 9 1.50 9.56 31.72
C GLY A 9 0.20 8.79 31.94
N GLU A 10 -0.84 9.11 31.17
CA GLU A 10 -2.03 8.25 31.16
C GLU A 10 -2.49 7.75 29.77
N LEU A 11 -3.54 6.94 29.79
CA LEU A 11 -4.06 6.29 28.59
C LEU A 11 -5.04 7.24 27.91
N ASN A 12 -4.62 7.67 26.74
CA ASN A 12 -5.40 8.49 25.82
C ASN A 12 -5.98 7.59 24.74
N VAL A 13 -7.32 7.54 24.70
CA VAL A 13 -8.03 6.72 23.71
C VAL A 13 -8.60 7.62 22.57
N TYR A 14 -8.26 7.29 21.33
CA TYR A 14 -8.70 8.02 20.12
C TYR A 14 -9.35 7.06 19.19
N SER A 15 -10.50 7.44 18.67
N SER A 15 -10.50 7.44 18.67
CA SER A 15 -11.19 6.57 17.74
CA SER A 15 -11.19 6.58 17.72
C SER A 15 -11.05 7.14 16.31
C SER A 15 -10.93 7.12 16.33
N ALA A 16 -10.86 8.45 16.19
CA ALA A 16 -10.72 9.06 14.83
C ALA A 16 -9.31 8.89 14.24
N PRO A 17 -9.17 8.31 13.02
CA PRO A 17 -7.78 8.29 12.49
C PRO A 17 -7.07 9.63 12.47
N GLY A 18 -7.78 10.73 12.10
CA GLY A 18 -7.14 12.06 12.09
C GLY A 18 -6.59 12.47 13.44
N ASP A 19 -7.31 12.12 14.52
CA ASP A 19 -6.84 12.43 15.89
C ASP A 19 -5.51 11.73 16.20
N VAL A 20 -5.42 10.42 15.98
CA VAL A 20 -4.20 9.70 16.38
C VAL A 20 -3.09 10.16 15.40
N ALA A 21 -3.44 10.48 14.14
CA ALA A 21 -2.41 10.87 13.18
C ALA A 21 -1.80 12.23 13.68
N ASP A 22 -2.67 13.12 14.12
CA ASP A 22 -2.20 14.44 14.55
C ASP A 22 -1.38 14.35 15.84
N VAL A 23 -1.81 13.53 16.77
CA VAL A 23 -1.11 13.37 18.03
C VAL A 23 0.25 12.73 17.77
N SER A 24 0.25 11.65 16.93
CA SER A 24 1.49 10.95 16.56
C SER A 24 2.52 11.90 15.91
N ARG A 25 2.08 12.75 14.99
CA ARG A 25 2.99 13.62 14.22
C ARG A 25 3.61 14.64 15.20
N ALA A 26 2.78 15.15 16.08
CA ALA A 26 3.20 16.19 17.04
C ALA A 26 4.25 15.56 17.96
N LEU A 27 3.99 14.31 18.38
CA LEU A 27 4.96 13.56 19.21
C LEU A 27 6.27 13.32 18.51
N ARG A 28 6.22 12.93 17.24
CA ARG A 28 7.44 12.66 16.54
C ARG A 28 8.29 13.96 16.37
N LEU A 29 7.61 15.09 16.15
CA LEU A 29 8.25 16.40 15.94
C LEU A 29 8.83 16.97 17.21
N THR A 30 8.39 16.48 18.37
CA THR A 30 9.06 16.85 19.60
C THR A 30 10.11 15.79 19.97
N GLY A 31 10.48 14.94 18.99
CA GLY A 31 11.47 13.86 19.14
C GLY A 31 11.15 12.49 19.79
N ARG A 32 9.92 12.31 20.30
CA ARG A 32 9.50 10.99 20.84
C ARG A 32 9.55 10.02 19.65
N ARG A 33 9.82 8.75 19.91
CA ARG A 33 9.81 7.73 18.87
C ARG A 33 8.52 6.90 19.03
N VAL A 34 7.70 6.85 18.00
CA VAL A 34 6.35 6.30 18.14
C VAL A 34 6.45 4.79 17.83
N MET A 35 5.99 3.94 18.75
CA MET A 35 6.03 2.50 18.58
C MET A 35 4.57 2.08 18.34
N LEU A 36 4.34 1.22 17.35
CA LEU A 36 2.93 0.72 17.09
C LEU A 36 2.88 -0.79 17.37
N VAL A 37 1.90 -1.18 18.16
CA VAL A 37 1.57 -2.57 18.38
C VAL A 37 0.15 -2.83 17.85
N PRO A 38 0.02 -3.37 16.63
CA PRO A 38 -1.36 -3.60 16.08
C PRO A 38 -1.96 -4.80 16.70
N THR A 39 -3.17 -4.66 17.22
CA THR A 39 -3.84 -5.85 17.78
C THR A 39 -5.35 -5.96 17.33
N MET A 40 -5.93 -7.11 17.60
CA MET A 40 -7.38 -7.27 17.44
C MET A 40 -8.07 -7.29 18.79
N GLY A 41 -7.43 -6.73 19.79
CA GLY A 41 -7.96 -6.75 21.16
C GLY A 41 -7.95 -8.17 21.77
N ALA A 42 -8.77 -8.38 22.79
CA ALA A 42 -8.80 -9.62 23.57
C ALA A 42 -7.37 -9.92 24.03
N LEU A 43 -6.76 -8.90 24.66
CA LEU A 43 -5.33 -8.85 24.96
C LEU A 43 -4.94 -9.88 26.06
N HIS A 44 -3.77 -10.48 25.92
CA HIS A 44 -3.26 -11.48 26.86
C HIS A 44 -1.78 -11.22 27.00
N GLU A 45 -1.07 -12.05 27.76
CA GLU A 45 0.34 -11.73 28.04
C GLU A 45 1.22 -11.69 26.81
N GLY A 46 0.84 -12.41 25.74
CA GLY A 46 1.66 -12.36 24.54
C GLY A 46 1.64 -10.95 23.92
N HIS A 47 0.47 -10.28 23.95
CA HIS A 47 0.37 -8.85 23.61
C HIS A 47 1.15 -7.94 24.54
N LEU A 48 1.10 -8.17 25.86
CA LEU A 48 1.84 -7.31 26.81
C LEU A 48 3.35 -7.43 26.61
N ALA A 49 3.80 -8.59 26.13
CA ALA A 49 5.21 -8.71 25.77
C ALA A 49 5.58 -7.81 24.59
N LEU A 50 4.67 -7.63 23.62
CA LEU A 50 4.90 -6.67 22.55
C LEU A 50 4.95 -5.26 23.15
N VAL A 51 3.97 -4.93 23.99
CA VAL A 51 3.95 -3.57 24.59
C VAL A 51 5.27 -3.32 25.37
N ARG A 52 5.67 -4.30 26.18
CA ARG A 52 6.91 -4.15 26.95
C ARG A 52 8.14 -3.96 26.08
N ALA A 53 8.25 -4.68 24.95
CA ALA A 53 9.37 -4.46 24.04
C ALA A 53 9.35 -3.06 23.45
N ALA A 54 8.15 -2.57 23.11
CA ALA A 54 7.99 -1.25 22.53
C ALA A 54 8.43 -0.23 23.59
N LYS A 55 8.05 -0.49 24.84
CA LYS A 55 8.27 0.47 25.94
C LYS A 55 9.75 0.67 26.20
N ARG A 56 10.50 -0.41 26.26
CA ARG A 56 11.94 -0.28 26.47
C ARG A 56 12.75 0.40 25.37
N VAL A 57 12.14 0.82 24.26
CA VAL A 57 12.87 1.65 23.26
C VAL A 57 12.99 3.08 23.81
N PRO A 58 14.24 3.63 23.90
CA PRO A 58 14.42 4.93 24.60
C PRO A 58 13.61 6.10 23.95
N GLY A 59 12.91 6.87 24.78
CA GLY A 59 12.13 7.98 24.27
C GLY A 59 10.83 7.57 23.54
N SER A 60 10.43 6.30 23.69
CA SER A 60 9.23 5.76 23.01
C SER A 60 7.93 6.34 23.57
N VAL A 61 6.93 6.48 22.70
CA VAL A 61 5.55 6.58 23.18
C VAL A 61 4.85 5.35 22.47
N VAL A 62 3.97 4.61 23.16
CA VAL A 62 3.53 3.35 22.59
C VAL A 62 2.10 3.62 22.13
N VAL A 63 1.79 3.28 20.88
CA VAL A 63 0.40 3.27 20.38
C VAL A 63 -0.01 1.82 20.23
N VAL A 64 -1.07 1.42 20.89
CA VAL A 64 -1.60 0.10 20.65
C VAL A 64 -2.90 0.30 19.88
N SER A 65 -3.01 -0.31 18.70
CA SER A 65 -4.28 -0.24 18.00
C SER A 65 -5.07 -1.48 18.34
N ILE A 66 -6.37 -1.28 18.48
CA ILE A 66 -7.37 -2.38 18.67
C ILE A 66 -8.44 -2.27 17.60
N PHE A 67 -8.55 -3.25 16.72
CA PHE A 67 -9.47 -3.16 15.55
C PHE A 67 -9.64 -4.55 15.03
N VAL A 68 -10.89 -5.03 15.08
CA VAL A 68 -11.19 -6.34 14.57
C VAL A 68 -11.48 -6.13 13.12
N ASN A 69 -10.54 -6.46 12.29
CA ASN A 69 -10.57 -5.99 10.93
C ASN A 69 -11.50 -6.87 10.11
N PRO A 70 -12.71 -6.39 9.71
CA PRO A 70 -13.51 -7.34 8.89
C PRO A 70 -12.84 -7.91 7.60
N MET A 71 -11.89 -7.19 6.98
CA MET A 71 -11.43 -7.63 5.62
C MET A 71 -10.53 -8.93 5.61
N GLN A 72 -9.95 -9.28 6.76
CA GLN A 72 -9.14 -10.52 6.85
C GLN A 72 -10.00 -11.74 7.29
N PHE A 73 -11.28 -11.48 7.58
CA PHE A 73 -12.21 -12.56 7.91
C PHE A 73 -13.00 -13.03 6.68
N GLY A 74 -13.12 -14.35 6.48
CA GLY A 74 -13.99 -14.90 5.43
C GLY A 74 -15.43 -14.98 5.93
N ALA A 75 -16.41 -14.99 5.01
CA ALA A 75 -17.82 -15.16 5.42
C ALA A 75 -17.94 -16.57 6.00
N GLY A 76 -18.94 -16.81 6.84
CA GLY A 76 -19.10 -18.13 7.44
C GLY A 76 -18.97 -18.17 8.97
N GLY A 77 -19.02 -16.99 9.60
CA GLY A 77 -19.21 -16.85 11.07
C GLY A 77 -18.02 -16.38 11.91
N ASP A 78 -16.84 -16.38 11.29
CA ASP A 78 -15.58 -16.10 12.00
C ASP A 78 -15.56 -14.70 12.66
N LEU A 79 -16.09 -13.73 11.93
CA LEU A 79 -16.04 -12.31 12.34
C LEU A 79 -16.90 -12.06 13.59
N ASP A 80 -18.15 -12.56 13.58
CA ASP A 80 -19.09 -12.39 14.72
C ASP A 80 -18.60 -13.17 15.97
N ALA A 81 -17.82 -14.25 15.73
CA ALA A 81 -17.29 -15.16 16.77
C ALA A 81 -16.00 -14.68 17.44
N TYR A 82 -15.31 -13.70 16.83
CA TYR A 82 -14.02 -13.24 17.40
C TYR A 82 -14.21 -12.61 18.78
N PRO A 83 -13.32 -12.90 19.78
CA PRO A 83 -13.58 -12.41 21.17
C PRO A 83 -13.42 -10.92 21.31
N ARG A 84 -14.41 -10.30 21.93
CA ARG A 84 -14.32 -8.86 22.08
C ARG A 84 -14.40 -8.62 23.58
N THR A 85 -13.32 -8.12 24.16
CA THR A 85 -13.30 -7.81 25.61
C THR A 85 -12.73 -6.39 25.86
N PRO A 86 -13.36 -5.32 25.33
CA PRO A 86 -12.63 -4.02 25.36
C PRO A 86 -12.34 -3.39 26.73
N ASP A 87 -13.18 -3.69 27.73
CA ASP A 87 -13.02 -3.14 29.09
C ASP A 87 -11.71 -3.65 29.71
N ASP A 88 -11.56 -4.97 29.67
CA ASP A 88 -10.32 -5.64 30.08
C ASP A 88 -9.11 -5.10 29.26
N ASP A 89 -9.27 -4.99 27.93
CA ASP A 89 -8.11 -4.56 27.09
C ASP A 89 -7.57 -3.21 27.57
N LEU A 90 -8.44 -2.22 27.69
CA LEU A 90 -7.97 -0.90 28.16
C LEU A 90 -7.37 -0.88 29.58
N ALA A 91 -7.96 -1.62 30.50
CA ALA A 91 -7.39 -1.84 31.87
C ALA A 91 -5.99 -2.40 31.78
N GLN A 92 -5.78 -3.43 30.97
CA GLN A 92 -4.40 -3.92 30.80
C GLN A 92 -3.43 -2.89 30.26
N LEU A 93 -3.89 -2.07 29.32
CA LEU A 93 -2.99 -1.07 28.74
C LEU A 93 -2.65 -0.01 29.78
N ARG A 94 -3.64 0.43 30.55
CA ARG A 94 -3.36 1.39 31.65
C ARG A 94 -2.37 0.77 32.66
N ALA A 95 -2.61 -0.47 33.08
CA ALA A 95 -1.64 -1.22 33.94
C ALA A 95 -0.21 -1.24 33.33
N GLU A 96 -0.12 -1.22 32.00
CA GLU A 96 1.20 -1.23 31.38
C GLU A 96 1.81 0.14 31.12
N GLY A 97 1.11 1.23 31.41
CA GLY A 97 1.69 2.56 31.16
C GLY A 97 1.71 3.01 29.69
N VAL A 98 0.87 2.37 28.88
CA VAL A 98 0.70 2.78 27.48
C VAL A 98 -0.01 4.13 27.44
N GLU A 99 0.48 5.05 26.66
CA GLU A 99 -0.17 6.35 26.64
C GLU A 99 -1.21 6.55 25.53
N ILE A 100 -1.15 5.74 24.47
CA ILE A 100 -2.14 5.89 23.36
C ILE A 100 -2.82 4.50 22.92
N ALA A 101 -4.15 4.41 23.00
CA ALA A 101 -4.90 3.33 22.38
C ALA A 101 -5.66 3.91 21.13
N PHE A 102 -5.54 3.27 19.99
CA PHE A 102 -6.23 3.76 18.79
C PHE A 102 -7.34 2.71 18.53
N THR A 103 -8.59 3.10 18.60
CA THR A 103 -9.69 2.16 18.47
C THR A 103 -10.70 2.67 17.38
N PRO A 104 -10.35 2.50 16.09
CA PRO A 104 -11.10 3.12 15.04
C PRO A 104 -12.40 2.33 14.81
N THR A 105 -13.36 3.01 14.22
CA THR A 105 -14.58 2.27 13.74
C THR A 105 -14.36 1.65 12.37
N THR A 106 -15.25 0.70 12.01
CA THR A 106 -15.20 0.14 10.68
C THR A 106 -15.48 1.19 9.64
N ALA A 107 -16.42 2.10 9.94
CA ALA A 107 -16.78 3.14 8.98
C ALA A 107 -15.60 4.07 8.72
N ALA A 108 -14.81 4.33 9.77
CA ALA A 108 -13.68 5.27 9.59
C ALA A 108 -12.53 4.60 8.80
N MET A 109 -12.37 3.28 8.96
CA MET A 109 -11.32 2.51 8.24
C MET A 109 -11.69 2.19 6.80
N TYR A 110 -12.99 1.92 6.57
CA TYR A 110 -13.50 1.46 5.30
C TYR A 110 -14.68 2.34 4.78
N PRO A 111 -14.48 3.67 4.66
CA PRO A 111 -15.59 4.54 4.25
C PRO A 111 -15.98 4.22 2.78
N ASP A 112 -15.05 3.67 2.00
CA ASP A 112 -15.41 3.31 0.62
C ASP A 112 -15.49 1.81 0.38
N GLY A 113 -15.74 1.06 1.45
CA GLY A 113 -15.75 -0.42 1.41
C GLY A 113 -14.37 -0.91 0.98
N LEU A 114 -14.35 -1.98 0.19
CA LEU A 114 -13.08 -2.46 -0.32
C LEU A 114 -12.84 -1.87 -1.69
N ARG A 115 -11.93 -0.90 -1.78
CA ARG A 115 -11.72 -0.24 -3.09
C ARG A 115 -10.25 -0.51 -3.44
N THR A 116 -9.32 0.38 -3.08
CA THR A 116 -7.87 0.08 -3.33
C THR A 116 -7.44 -0.91 -2.23
N THR A 117 -6.77 -2.00 -2.57
CA THR A 117 -6.34 -2.91 -1.53
C THR A 117 -4.92 -3.36 -1.83
N VAL A 118 -4.31 -4.05 -0.86
CA VAL A 118 -3.01 -4.69 -1.05
C VAL A 118 -3.16 -6.11 -1.60
N GLN A 119 -2.42 -6.39 -2.66
CA GLN A 119 -2.31 -7.73 -3.19
C GLN A 119 -0.98 -8.38 -2.73
N PRO A 120 -1.01 -9.35 -1.77
CA PRO A 120 0.27 -9.97 -1.29
C PRO A 120 0.90 -10.80 -2.42
N GLY A 121 2.18 -11.12 -2.29
CA GLY A 121 2.84 -12.10 -3.15
C GLY A 121 2.28 -13.51 -2.92
N PRO A 122 2.87 -14.49 -3.63
CA PRO A 122 2.36 -15.85 -3.69
C PRO A 122 2.43 -16.51 -2.33
N LEU A 123 3.24 -16.00 -1.40
CA LEU A 123 3.28 -16.65 -0.04
C LEU A 123 1.87 -16.62 0.60
N ALA A 124 1.03 -15.66 0.19
CA ALA A 124 -0.27 -15.52 0.87
C ALA A 124 -1.29 -16.61 0.47
N ALA A 125 -0.95 -17.37 -0.58
CA ALA A 125 -1.84 -18.43 -1.08
C ALA A 125 -1.53 -19.79 -0.43
N GLU A 126 -0.48 -19.80 0.37
CA GLU A 126 -0.04 -21.07 1.00
C GLU A 126 -0.29 -21.12 2.48
N LEU A 127 -0.18 -22.34 3.05
CA LEU A 127 -0.32 -22.52 4.54
C LEU A 127 -1.65 -21.96 5.02
N GLU A 128 -1.65 -20.92 5.87
CA GLU A 128 -2.94 -20.37 6.36
C GLU A 128 -3.80 -19.81 5.19
N GLY A 129 -3.13 -19.35 4.14
CA GLY A 129 -3.79 -18.78 2.99
C GLY A 129 -4.44 -19.81 2.05
N GLY A 130 -4.13 -21.11 2.24
CA GLY A 130 -4.56 -22.11 1.25
C GLY A 130 -6.06 -22.18 0.97
N PRO A 131 -6.86 -22.38 2.03
CA PRO A 131 -8.30 -22.36 1.96
C PRO A 131 -8.93 -21.00 2.32
N ARG A 132 -8.09 -19.96 2.47
CA ARG A 132 -8.52 -18.59 2.91
C ARG A 132 -7.77 -17.64 2.01
N PRO A 133 -8.06 -17.68 0.71
CA PRO A 133 -7.22 -17.03 -0.26
C PRO A 133 -7.24 -15.49 -0.17
N THR A 134 -8.20 -14.88 0.52
CA THR A 134 -8.21 -13.40 0.66
C THR A 134 -7.78 -12.90 2.03
N HIS A 135 -7.43 -13.83 2.92
CA HIS A 135 -7.13 -13.50 4.28
C HIS A 135 -5.99 -12.49 4.46
N PHE A 136 -4.85 -12.79 3.82
CA PHE A 136 -3.70 -11.93 4.04
C PHE A 136 -3.76 -10.62 3.26
N ALA A 137 -4.52 -10.57 2.17
CA ALA A 137 -4.85 -9.28 1.54
C ALA A 137 -5.55 -8.38 2.59
N GLY A 138 -6.48 -8.97 3.36
CA GLY A 138 -7.14 -8.22 4.46
C GLY A 138 -6.15 -7.65 5.51
N VAL A 139 -5.25 -8.52 5.95
CA VAL A 139 -4.28 -8.19 6.98
C VAL A 139 -3.31 -7.14 6.42
N LEU A 140 -2.77 -7.38 5.22
CA LEU A 140 -1.78 -6.39 4.73
C LEU A 140 -2.41 -5.03 4.45
N THR A 141 -3.66 -5.05 4.00
CA THR A 141 -4.36 -3.77 3.72
C THR A 141 -4.54 -2.98 5.03
N VAL A 142 -5.00 -3.64 6.06
CA VAL A 142 -5.17 -2.93 7.31
C VAL A 142 -3.83 -2.50 7.94
N VAL A 143 -2.82 -3.34 7.85
CA VAL A 143 -1.56 -2.94 8.45
C VAL A 143 -0.93 -1.75 7.68
N LEU A 144 -1.02 -1.78 6.33
CA LEU A 144 -0.60 -0.62 5.57
C LEU A 144 -1.32 0.65 6.08
N LYS A 145 -2.65 0.62 6.19
CA LYS A 145 -3.40 1.84 6.61
C LYS A 145 -2.97 2.30 8.01
N LEU A 146 -2.76 1.33 8.90
CA LEU A 146 -2.38 1.63 10.31
C LEU A 146 -0.99 2.27 10.30
N LEU A 147 -0.07 1.80 9.46
CA LEU A 147 1.27 2.39 9.40
C LEU A 147 1.22 3.84 8.86
N GLN A 148 0.32 4.07 7.90
CA GLN A 148 0.20 5.40 7.27
C GLN A 148 -0.47 6.36 8.23
N ILE A 149 -1.40 5.88 9.01
CA ILE A 149 -2.15 6.76 9.99
C ILE A 149 -1.21 7.18 11.13
N VAL A 150 -0.55 6.16 11.70
CA VAL A 150 0.29 6.30 12.89
C VAL A 150 1.75 6.69 12.55
N ARG A 151 2.27 6.30 11.37
CA ARG A 151 3.68 6.57 10.99
C ARG A 151 4.64 6.25 12.15
N PRO A 152 4.59 5.02 12.67
CA PRO A 152 5.54 4.69 13.72
C PRO A 152 6.98 4.51 13.18
N ASP A 153 7.93 4.63 14.10
CA ASP A 153 9.34 4.26 13.77
C ASP A 153 9.53 2.77 13.71
N ARG A 154 8.90 2.07 14.62
CA ARG A 154 8.95 0.61 14.66
C ARG A 154 7.54 0.08 14.93
N VAL A 155 7.33 -1.10 14.40
CA VAL A 155 6.05 -1.83 14.58
C VAL A 155 6.34 -3.24 15.05
N PHE A 156 5.52 -3.74 15.97
CA PHE A 156 5.83 -4.95 16.75
C PHE A 156 4.76 -6.03 16.50
N PHE A 157 5.23 -7.22 16.14
CA PHE A 157 4.35 -8.40 15.90
C PHE A 157 4.93 -9.62 16.60
N GLY A 158 4.03 -10.51 17.08
CA GLY A 158 4.45 -11.74 17.73
C GLY A 158 4.90 -12.75 16.66
N GLU A 159 5.85 -13.62 16.97
CA GLU A 159 6.24 -14.70 16.06
C GLU A 159 5.19 -15.81 15.95
N LYS A 160 4.22 -15.83 16.86
CA LYS A 160 3.19 -16.88 16.85
C LYS A 160 2.53 -16.93 15.45
N ASP A 161 2.14 -15.79 14.93
CA ASP A 161 1.63 -15.76 13.56
C ASP A 161 2.78 -15.47 12.59
N TYR A 162 3.64 -16.47 12.39
CA TYR A 162 4.89 -16.30 11.74
C TYR A 162 4.67 -15.97 10.26
N GLN A 163 3.77 -16.67 9.60
CA GLN A 163 3.54 -16.34 8.18
C GLN A 163 3.04 -14.93 7.96
N GLN A 164 2.20 -14.47 8.86
CA GLN A 164 1.82 -13.09 8.85
C GLN A 164 2.99 -12.10 9.02
N LEU A 165 3.91 -12.38 9.97
CA LEU A 165 5.07 -11.56 10.20
C LEU A 165 5.91 -11.51 8.92
N VAL A 166 6.13 -12.65 8.31
CA VAL A 166 6.89 -12.69 7.09
C VAL A 166 6.24 -11.81 5.96
N LEU A 167 4.94 -11.95 5.76
CA LEU A 167 4.21 -11.14 4.79
C LEU A 167 4.27 -9.67 5.12
N ILE A 168 4.23 -9.34 6.41
CA ILE A 168 4.39 -7.93 6.79
C ILE A 168 5.80 -7.41 6.44
N ARG A 169 6.85 -8.15 6.72
CA ARG A 169 8.16 -7.74 6.24
C ARG A 169 8.20 -7.55 4.72
N GLN A 170 7.52 -8.43 3.99
CA GLN A 170 7.41 -8.28 2.52
C GLN A 170 6.77 -6.99 2.13
N LEU A 171 5.60 -6.72 2.74
CA LEU A 171 4.91 -5.41 2.55
C LEU A 171 5.86 -4.22 2.76
N VAL A 172 6.53 -4.22 3.90
CA VAL A 172 7.42 -3.10 4.29
C VAL A 172 8.54 -2.98 3.27
N ALA A 173 9.17 -4.10 2.92
CA ALA A 173 10.25 -4.04 1.88
C ALA A 173 9.70 -3.61 0.51
N ASP A 174 8.62 -4.23 0.06
CA ASP A 174 8.08 -4.08 -1.33
C ASP A 174 7.50 -2.66 -1.58
N PHE A 175 6.97 -2.02 -0.50
CA PHE A 175 6.46 -0.68 -0.69
C PHE A 175 7.39 0.39 -0.09
N ASN A 176 8.64 0.03 0.19
CA ASN A 176 9.67 0.98 0.71
C ASN A 176 9.20 1.72 1.95
N LEU A 177 8.46 1.04 2.81
CA LEU A 177 7.95 1.72 4.03
C LEU A 177 9.07 2.01 5.03
N ASP A 178 9.03 3.19 5.63
CA ASP A 178 10.15 3.67 6.45
C ASP A 178 9.83 3.30 7.91
N VAL A 179 9.87 2.00 8.23
CA VAL A 179 9.50 1.51 9.57
C VAL A 179 10.28 0.27 9.79
N ALA A 180 10.69 0.01 11.02
CA ALA A 180 11.45 -1.21 11.34
C ALA A 180 10.40 -2.22 11.86
N VAL A 181 10.39 -3.42 11.29
CA VAL A 181 9.47 -4.46 11.80
C VAL A 181 10.21 -5.29 12.90
N VAL A 182 9.64 -5.33 14.10
CA VAL A 182 10.25 -6.08 15.22
C VAL A 182 9.39 -7.31 15.49
N GLY A 183 10.00 -8.50 15.36
CA GLY A 183 9.28 -9.72 15.67
C GLY A 183 9.61 -10.08 17.11
N VAL A 184 8.62 -10.44 17.92
CA VAL A 184 8.87 -10.74 19.33
C VAL A 184 8.56 -12.23 19.61
N PRO A 185 9.43 -12.94 20.34
CA PRO A 185 9.17 -14.40 20.49
C PRO A 185 7.85 -14.72 21.13
N THR A 186 7.26 -15.85 20.75
N THR A 186 7.23 -15.85 20.76
CA THR A 186 5.97 -16.26 21.31
CA THR A 186 5.88 -16.18 21.33
C THR A 186 6.02 -16.33 22.86
C THR A 186 5.89 -16.53 22.81
N VAL A 187 4.94 -15.94 23.53
CA VAL A 187 4.84 -16.11 24.98
C VAL A 187 4.02 -17.37 25.12
N ARG A 188 4.45 -18.24 26.02
CA ARG A 188 3.81 -19.58 26.21
C ARG A 188 3.29 -19.74 27.65
N GLU A 189 2.22 -20.53 27.83
CA GLU A 189 1.81 -20.97 29.15
C GLU A 189 2.94 -21.86 29.73
N ALA A 190 2.93 -22.09 31.04
CA ALA A 190 3.99 -22.92 31.67
C ALA A 190 4.17 -24.34 31.06
N ASP A 191 3.12 -24.96 30.50
CA ASP A 191 3.31 -26.23 29.82
C ASP A 191 3.84 -26.16 28.34
N GLY A 192 3.96 -24.94 27.79
CA GLY A 192 4.40 -24.75 26.39
C GLY A 192 3.34 -24.17 25.42
N LEU A 193 2.06 -24.23 25.78
CA LEU A 193 0.98 -23.75 24.92
C LEU A 193 1.19 -22.30 24.51
N ALA A 194 1.29 -22.03 23.21
CA ALA A 194 1.46 -20.65 22.73
C ALA A 194 0.21 -19.83 23.15
N MET A 195 0.42 -18.68 23.78
CA MET A 195 -0.69 -17.76 24.09
C MET A 195 -1.44 -17.28 22.87
N SER A 196 -2.76 -17.37 22.96
CA SER A 196 -3.62 -16.94 21.85
C SER A 196 -4.99 -16.60 22.42
N SER A 197 -5.66 -15.58 21.81
CA SER A 197 -7.03 -15.21 22.19
C SER A 197 -7.98 -16.39 21.90
N ARG A 198 -7.60 -17.30 21.02
CA ARG A 198 -8.52 -18.40 20.78
C ARG A 198 -8.37 -19.65 21.69
N ASN A 199 -7.39 -19.63 22.59
CA ASN A 199 -7.21 -20.68 23.56
C ASN A 199 -8.45 -20.74 24.48
N ARG A 200 -9.13 -19.60 24.69
CA ARG A 200 -10.34 -19.57 25.55
C ARG A 200 -11.43 -20.53 25.07
N TYR A 201 -11.38 -20.94 23.80
CA TYR A 201 -12.32 -21.89 23.21
C TYR A 201 -12.01 -23.38 23.32
N LEU A 202 -11.01 -23.72 24.15
CA LEU A 202 -10.68 -25.12 24.39
C LEU A 202 -11.35 -25.50 25.71
N ASP A 203 -12.11 -26.57 25.69
CA ASP A 203 -12.63 -27.19 26.96
C ASP A 203 -11.46 -27.85 27.71
N PRO A 204 -11.65 -28.22 28.98
CA PRO A 204 -10.48 -28.75 29.72
C PRO A 204 -9.77 -29.92 29.04
N ALA A 205 -10.50 -30.83 28.40
CA ALA A 205 -9.85 -31.95 27.71
C ALA A 205 -9.01 -31.45 26.51
N GLN A 206 -9.59 -30.55 25.70
CA GLN A 206 -8.89 -29.93 24.54
C GLN A 206 -7.67 -29.14 25.02
N ARG A 207 -7.80 -28.46 26.14
CA ARG A 207 -6.67 -27.71 26.68
C ARG A 207 -5.47 -28.62 27.04
N ALA A 208 -5.80 -29.77 27.65
CA ALA A 208 -4.84 -30.83 28.00
C ALA A 208 -4.19 -31.37 26.73
N ALA A 209 -4.99 -31.70 25.73
CA ALA A 209 -4.47 -32.20 24.46
C ALA A 209 -3.62 -31.18 23.68
N ALA A 210 -3.93 -29.89 23.82
CA ALA A 210 -3.29 -28.85 22.98
C ALA A 210 -1.78 -28.69 23.22
N VAL A 211 -1.28 -29.22 24.35
CA VAL A 211 0.14 -29.18 24.66
C VAL A 211 0.93 -29.95 23.60
N ALA A 212 0.26 -30.84 22.87
CA ALA A 212 0.94 -31.66 21.84
C ALA A 212 1.59 -30.77 20.74
N LEU A 213 1.03 -29.58 20.48
CA LEU A 213 1.62 -28.79 19.39
C LEU A 213 3.02 -28.35 19.75
N SER A 214 3.14 -27.74 20.94
CA SER A 214 4.44 -27.20 21.37
C SER A 214 5.38 -28.37 21.74
N ALA A 215 4.82 -29.44 22.27
CA ALA A 215 5.65 -30.62 22.58
C ALA A 215 6.27 -31.20 21.27
N ALA A 216 5.45 -31.27 20.22
CA ALA A 216 5.85 -31.82 18.89
C ALA A 216 6.99 -30.95 18.34
N LEU A 217 6.78 -29.64 18.36
CA LEU A 217 7.76 -28.69 17.84
C LEU A 217 9.09 -28.71 18.61
N THR A 218 9.02 -28.76 19.94
N THR A 218 9.05 -28.71 19.95
CA THR A 218 10.23 -28.78 20.73
CA THR A 218 10.32 -28.75 20.74
C THR A 218 10.94 -30.11 20.56
C THR A 218 10.98 -30.13 20.57
N ALA A 219 10.18 -31.18 20.50
CA ALA A 219 10.80 -32.50 20.21
C ALA A 219 11.56 -32.42 18.85
N ALA A 220 10.90 -31.87 17.83
CA ALA A 220 11.42 -31.83 16.46
C ALA A 220 12.72 -30.97 16.48
N ALA A 221 12.71 -29.88 17.24
CA ALA A 221 13.88 -28.96 17.29
C ALA A 221 15.12 -29.68 17.87
N HIS A 222 14.90 -30.55 18.87
CA HIS A 222 16.02 -31.37 19.40
C HIS A 222 16.37 -32.59 18.53
N ALA A 223 15.40 -33.20 17.89
CA ALA A 223 15.64 -34.31 16.98
C ALA A 223 16.45 -33.90 15.75
N ALA A 224 16.45 -32.60 15.47
CA ALA A 224 16.89 -32.10 14.19
C ALA A 224 18.43 -32.26 14.07
N THR A 225 19.15 -32.63 15.13
CA THR A 225 20.60 -33.02 14.94
C THR A 225 20.73 -34.18 14.00
N ALA A 226 19.68 -35.01 13.98
CA ALA A 226 19.58 -36.16 13.16
C ALA A 226 18.99 -35.93 11.75
N GLY A 227 18.68 -34.68 11.41
CA GLY A 227 18.31 -34.25 10.07
C GLY A 227 16.82 -33.98 9.99
N ALA A 228 16.40 -33.50 8.81
CA ALA A 228 14.99 -33.08 8.65
C ALA A 228 13.96 -34.16 8.78
N GLN A 229 14.23 -35.34 8.24
N GLN A 229 14.20 -35.36 8.25
CA GLN A 229 13.27 -36.42 8.29
CA GLN A 229 13.19 -36.40 8.32
C GLN A 229 12.98 -36.77 9.76
C GLN A 229 12.97 -36.85 9.77
N ALA A 230 14.04 -36.95 10.54
CA ALA A 230 13.93 -37.25 11.96
C ALA A 230 13.11 -36.20 12.69
N ALA A 231 13.38 -34.93 12.41
CA ALA A 231 12.69 -33.83 13.07
C ALA A 231 11.19 -33.91 12.76
N LEU A 232 10.84 -34.05 11.48
CA LEU A 232 9.46 -34.08 11.09
C LEU A 232 8.76 -35.33 11.62
N ASP A 233 9.47 -36.44 11.63
CA ASP A 233 8.86 -37.74 12.11
C ASP A 233 8.69 -37.66 13.64
N ALA A 234 9.57 -36.95 14.33
CA ALA A 234 9.39 -36.80 15.82
C ALA A 234 8.12 -35.98 16.11
N ALA A 235 8.00 -34.83 15.45
CA ALA A 235 6.79 -34.01 15.61
C ALA A 235 5.52 -34.79 15.25
N ARG A 236 5.54 -35.50 14.15
CA ARG A 236 4.34 -36.22 13.74
C ARG A 236 3.94 -37.31 14.75
N ALA A 237 4.96 -37.94 15.36
CA ALA A 237 4.69 -38.99 16.32
C ALA A 237 4.01 -38.42 17.56
N VAL A 238 4.44 -37.23 17.97
CA VAL A 238 3.87 -36.62 19.16
C VAL A 238 2.41 -36.23 18.83
N LEU A 239 2.21 -35.64 17.63
CA LEU A 239 0.86 -35.16 17.25
C LEU A 239 -0.06 -36.38 17.11
N ASP A 240 0.49 -37.46 16.59
CA ASP A 240 -0.27 -38.75 16.43
C ASP A 240 -0.67 -39.38 17.77
N ALA A 241 0.10 -39.14 18.84
CA ALA A 241 -0.20 -39.68 20.17
C ALA A 241 -1.21 -38.80 20.92
N ALA A 242 -1.62 -37.66 20.34
CA ALA A 242 -2.51 -36.70 21.06
C ALA A 242 -3.98 -36.89 20.75
N PRO A 243 -4.81 -37.04 21.81
CA PRO A 243 -6.21 -37.42 21.58
C PRO A 243 -6.93 -36.29 20.93
N GLY A 244 -7.49 -36.50 19.76
CA GLY A 244 -8.41 -35.48 19.23
C GLY A 244 -7.72 -34.19 18.78
N VAL A 245 -6.45 -34.32 18.39
CA VAL A 245 -5.76 -33.22 17.70
C VAL A 245 -5.79 -33.56 16.23
N ALA A 246 -6.43 -32.72 15.42
CA ALA A 246 -6.53 -33.00 13.96
C ALA A 246 -5.56 -32.11 13.16
N VAL A 247 -4.45 -32.67 12.71
CA VAL A 247 -3.45 -31.84 12.04
C VAL A 247 -3.91 -31.36 10.64
N ASP A 248 -3.85 -30.05 10.39
N ASP A 248 -3.90 -30.04 10.45
CA ASP A 248 -4.07 -29.49 9.03
CA ASP A 248 -4.03 -29.39 9.14
C ASP A 248 -2.77 -29.39 8.20
C ASP A 248 -2.73 -29.59 8.35
N TYR A 249 -1.67 -28.94 8.80
CA TYR A 249 -0.35 -29.03 8.13
C TYR A 249 0.76 -29.07 9.16
N LEU A 250 1.87 -29.63 8.75
CA LEU A 250 3.06 -29.57 9.54
C LEU A 250 4.14 -29.44 8.53
N GLU A 251 4.86 -28.31 8.49
CA GLU A 251 5.79 -28.11 7.37
C GLU A 251 7.03 -27.49 7.82
N LEU A 252 8.15 -27.94 7.26
CA LEU A 252 9.39 -27.35 7.58
C LEU A 252 9.82 -26.50 6.39
N ARG A 253 10.09 -25.22 6.64
CA ARG A 253 10.49 -24.30 5.59
C ARG A 253 11.69 -23.49 5.93
N ASP A 254 12.27 -22.89 4.89
CA ASP A 254 13.20 -21.83 5.11
C ASP A 254 12.67 -20.66 5.99
N ILE A 255 13.55 -19.87 6.62
CA ILE A 255 13.05 -18.80 7.47
C ILE A 255 12.11 -17.78 6.82
N GLY A 256 12.29 -17.52 5.53
CA GLY A 256 11.46 -16.53 4.83
C GLY A 256 10.30 -17.28 4.23
N LEU A 257 10.16 -18.59 4.52
CA LEU A 257 9.02 -19.43 4.08
C LEU A 257 8.93 -19.69 2.59
N GLY A 258 9.96 -19.28 1.85
CA GLY A 258 9.81 -18.85 0.43
C GLY A 258 10.28 -19.81 -0.68
N PRO A 259 10.51 -19.28 -1.92
CA PRO A 259 11.08 -20.08 -3.04
C PRO A 259 12.60 -20.39 -2.87
N MET A 260 12.99 -20.71 -1.65
CA MET A 260 14.32 -21.20 -1.37
C MET A 260 14.18 -22.55 -0.64
N PRO A 261 15.07 -23.53 -1.02
CA PRO A 261 15.07 -24.80 -0.26
C PRO A 261 15.59 -24.60 1.16
N LEU A 262 15.08 -25.42 2.09
CA LEU A 262 15.64 -25.51 3.43
C LEU A 262 17.17 -25.78 3.41
N ASN A 263 17.92 -24.90 4.10
CA ASN A 263 19.35 -25.11 4.33
C ASN A 263 19.55 -25.62 5.78
N GLY A 264 20.35 -24.92 6.58
CA GLY A 264 20.58 -25.33 7.95
C GLY A 264 19.63 -24.70 8.94
N SER A 265 19.05 -23.56 8.61
CA SER A 265 18.17 -22.82 9.54
C SER A 265 16.80 -22.76 8.93
N GLY A 266 15.80 -23.14 9.72
CA GLY A 266 14.46 -23.24 9.17
C GLY A 266 13.41 -22.85 10.20
N ARG A 267 12.16 -22.99 9.79
CA ARG A 267 11.09 -22.73 10.71
C ARG A 267 10.17 -23.91 10.54
N LEU A 268 9.70 -24.50 11.65
CA LEU A 268 8.79 -25.60 11.52
C LEU A 268 7.41 -25.04 11.94
N LEU A 269 6.40 -25.26 11.10
CA LEU A 269 5.08 -24.66 11.34
C LEU A 269 4.02 -25.74 11.44
N VAL A 270 3.12 -25.57 12.40
CA VAL A 270 2.00 -26.56 12.56
C VAL A 270 0.70 -25.78 12.71
N ALA A 271 -0.38 -26.36 12.20
CA ALA A 271 -1.73 -25.89 12.43
C ALA A 271 -2.57 -27.13 12.64
N ALA A 272 -3.49 -27.09 13.62
CA ALA A 272 -4.25 -28.24 14.03
C ALA A 272 -5.60 -27.80 14.58
N ARG A 273 -6.60 -28.69 14.47
CA ARG A 273 -7.94 -28.39 15.01
C ARG A 273 -8.15 -29.22 16.24
N LEU A 274 -8.61 -28.57 17.30
CA LEU A 274 -9.12 -29.24 18.47
C LEU A 274 -10.62 -28.93 18.59
N GLY A 275 -11.51 -29.87 18.27
CA GLY A 275 -12.97 -29.50 18.13
C GLY A 275 -13.07 -28.53 16.96
N THR A 276 -13.65 -27.36 17.21
CA THR A 276 -13.76 -26.35 16.17
C THR A 276 -12.59 -25.32 16.22
N THR A 277 -11.79 -25.39 17.28
CA THR A 277 -10.76 -24.36 17.52
C THR A 277 -9.46 -24.71 16.75
N ARG A 278 -9.03 -23.83 15.85
CA ARG A 278 -7.84 -24.08 15.07
C ARG A 278 -6.65 -23.39 15.80
N LEU A 279 -5.59 -24.13 16.09
CA LEU A 279 -4.42 -23.54 16.82
C LEU A 279 -3.22 -23.54 15.87
N LEU A 280 -2.35 -22.54 15.99
CA LEU A 280 -1.14 -22.54 15.21
C LEU A 280 0.05 -22.49 16.18
N ASP A 281 1.20 -22.96 15.73
CA ASP A 281 2.42 -22.72 16.48
C ASP A 281 3.60 -22.90 15.52
N ASN A 282 4.75 -22.40 15.92
CA ASN A 282 5.95 -22.62 15.09
C ASN A 282 7.19 -22.47 15.91
N ILE A 283 8.34 -22.94 15.39
CA ILE A 283 9.56 -22.86 16.15
C ILE A 283 10.75 -22.74 15.18
N ALA A 284 11.81 -22.07 15.62
CA ALA A 284 13.09 -22.10 14.94
C ALA A 284 13.65 -23.50 14.96
N ILE A 285 14.26 -23.90 13.85
CA ILE A 285 14.83 -25.27 13.68
C ILE A 285 16.23 -25.06 13.09
N GLU A 286 17.24 -25.70 13.66
CA GLU A 286 18.58 -25.79 13.02
C GLU A 286 18.83 -27.23 12.61
N ILE A 287 19.16 -27.45 11.35
CA ILE A 287 19.22 -28.81 10.85
C ILE A 287 20.68 -29.33 10.92
N GLY A 288 20.82 -30.57 11.40
CA GLY A 288 22.11 -31.25 11.55
C GLY A 288 23.12 -30.47 12.39
N THR A 289 24.35 -30.40 11.86
CA THR A 289 25.37 -29.47 12.34
C THR A 289 24.82 -28.04 12.10
N PHE A 290 24.54 -27.37 13.22
CA PHE A 290 23.71 -26.15 13.34
C PHE A 290 22.87 -26.24 14.61
N ALA A 291 22.37 -27.45 14.93
CA ALA A 291 21.61 -27.72 16.16
C ALA A 291 22.52 -28.21 17.29
N ALA B 2 25.76 8.92 7.64
CA ALA B 2 25.97 10.31 7.17
C ALA B 2 25.14 10.58 5.91
N ILE B 3 24.36 11.66 5.92
CA ILE B 3 23.48 12.05 4.76
C ILE B 3 24.29 12.24 3.46
N PRO B 4 23.74 11.84 2.28
CA PRO B 4 24.47 12.09 1.00
C PRO B 4 24.62 13.58 0.74
N ALA B 5 25.56 13.96 -0.13
CA ALA B 5 25.77 15.35 -0.49
C ALA B 5 24.56 15.97 -1.24
N PHE B 6 24.17 17.18 -0.84
CA PHE B 6 23.16 17.96 -1.57
C PHE B 6 23.66 19.37 -1.75
N HIS B 7 23.75 19.83 -3.00
CA HIS B 7 24.16 21.19 -3.36
C HIS B 7 22.98 22.05 -3.79
N PRO B 8 22.55 22.99 -2.93
CA PRO B 8 21.44 23.88 -3.23
C PRO B 8 21.63 24.59 -4.55
N GLY B 9 20.55 24.75 -5.31
CA GLY B 9 20.58 25.53 -6.53
C GLY B 9 21.22 24.80 -7.69
N GLU B 10 21.61 23.55 -7.50
CA GLU B 10 22.08 22.76 -8.65
C GLU B 10 21.25 21.47 -8.77
N LEU B 11 21.34 20.81 -9.91
CA LEU B 11 20.65 19.55 -10.14
C LEU B 11 21.46 18.45 -9.46
N ASN B 12 20.87 17.85 -8.42
CA ASN B 12 21.51 16.79 -7.70
C ASN B 12 20.80 15.55 -8.18
N VAL B 13 21.58 14.64 -8.73
CA VAL B 13 20.99 13.41 -9.25
C VAL B 13 21.27 12.25 -8.30
N TYR B 14 20.24 11.46 -7.96
CA TYR B 14 20.42 10.29 -7.11
C TYR B 14 19.77 9.11 -7.80
N SER B 15 20.50 8.01 -7.87
CA SER B 15 19.88 6.80 -8.37
C SER B 15 19.42 5.81 -7.29
N ALA B 16 20.00 5.88 -6.09
CA ALA B 16 19.70 4.89 -5.04
C ALA B 16 18.48 5.39 -4.23
N PRO B 17 17.43 4.55 -4.04
CA PRO B 17 16.28 5.02 -3.29
C PRO B 17 16.62 5.53 -1.86
N GLY B 18 17.53 4.86 -1.13
CA GLY B 18 17.92 5.24 0.20
C GLY B 18 18.57 6.61 0.23
N ASP B 19 19.29 6.93 -0.82
CA ASP B 19 19.91 8.26 -0.95
C ASP B 19 18.87 9.39 -1.10
N VAL B 20 17.98 9.27 -2.07
CA VAL B 20 16.96 10.34 -2.19
C VAL B 20 16.07 10.42 -0.90
N ALA B 21 15.81 9.28 -0.29
CA ALA B 21 15.04 9.23 0.97
C ALA B 21 15.71 10.07 2.06
N ASP B 22 17.00 9.79 2.26
CA ASP B 22 17.85 10.49 3.27
C ASP B 22 17.92 11.97 3.00
N VAL B 23 18.12 12.36 1.75
CA VAL B 23 18.20 13.76 1.37
C VAL B 23 16.83 14.43 1.53
N SER B 24 15.74 13.76 1.13
CA SER B 24 14.42 14.38 1.25
C SER B 24 14.09 14.62 2.74
N ARG B 25 14.38 13.64 3.58
CA ARG B 25 14.13 13.74 5.03
C ARG B 25 14.99 14.88 5.64
N ALA B 26 16.28 14.88 5.32
CA ALA B 26 17.12 15.97 5.80
C ALA B 26 16.59 17.36 5.37
N LEU B 27 16.14 17.48 4.12
CA LEU B 27 15.73 18.81 3.63
C LEU B 27 14.45 19.29 4.31
N ARG B 28 13.51 18.36 4.49
CA ARG B 28 12.24 18.72 5.12
C ARG B 28 12.43 19.20 6.58
N LEU B 29 13.40 18.60 7.27
CA LEU B 29 13.76 19.01 8.63
C LEU B 29 14.44 20.39 8.66
N THR B 30 15.01 20.81 7.52
CA THR B 30 15.60 22.16 7.40
C THR B 30 14.59 23.24 6.98
N GLY B 31 13.28 22.93 6.95
CA GLY B 31 12.33 23.94 6.52
C GLY B 31 12.04 24.02 5.03
N ARG B 32 12.32 22.97 4.27
CA ARG B 32 11.88 22.93 2.87
C ARG B 32 10.59 22.11 2.81
N ARG B 33 9.78 22.33 1.78
CA ARG B 33 8.59 21.47 1.52
C ARG B 33 8.91 20.69 0.27
N VAL B 34 8.89 19.36 0.35
CA VAL B 34 9.34 18.48 -0.75
C VAL B 34 8.22 18.28 -1.78
N MET B 35 8.44 18.57 -3.07
CA MET B 35 7.40 18.45 -4.06
C MET B 35 7.82 17.35 -5.02
N LEU B 36 6.97 16.36 -5.28
CA LEU B 36 7.39 15.27 -6.19
C LEU B 36 6.68 15.37 -7.51
N VAL B 37 7.42 15.21 -8.65
CA VAL B 37 6.81 15.24 -9.96
C VAL B 37 7.23 13.91 -10.60
N PRO B 38 6.33 12.91 -10.59
CA PRO B 38 6.76 11.62 -11.22
C PRO B 38 6.67 11.64 -12.75
N THR B 39 7.70 11.08 -13.40
CA THR B 39 7.74 11.08 -14.86
C THR B 39 8.31 9.80 -15.38
N MET B 40 8.13 9.59 -16.66
CA MET B 40 8.86 8.52 -17.29
C MET B 40 9.90 9.05 -18.24
N GLY B 41 10.37 10.28 -17.97
CA GLY B 41 11.42 10.87 -18.83
C GLY B 41 10.82 11.20 -20.19
N ALA B 42 11.68 11.36 -21.20
CA ALA B 42 11.26 11.95 -22.48
C ALA B 42 10.45 13.22 -22.27
N LEU B 43 11.05 14.18 -21.58
CA LEU B 43 10.25 15.33 -21.06
C LEU B 43 9.82 16.34 -22.13
N HIS B 44 8.60 16.84 -22.02
CA HIS B 44 8.10 17.89 -22.89
C HIS B 44 7.44 18.98 -22.02
N GLU B 45 6.88 19.98 -22.68
CA GLU B 45 6.32 21.14 -21.99
C GLU B 45 5.26 20.79 -20.97
N GLY B 46 4.53 19.70 -21.22
CA GLY B 46 3.52 19.26 -20.24
C GLY B 46 4.19 18.90 -18.91
N HIS B 47 5.32 18.23 -18.97
CA HIS B 47 6.04 17.90 -17.74
C HIS B 47 6.62 19.16 -17.08
N LEU B 48 7.08 20.14 -17.87
CA LEU B 48 7.60 21.37 -17.28
C LEU B 48 6.54 22.21 -16.60
N ALA B 49 5.29 22.18 -17.09
CA ALA B 49 4.21 22.80 -16.35
C ALA B 49 3.99 22.17 -14.97
N LEU B 50 4.23 20.86 -14.81
CA LEU B 50 4.14 20.22 -13.46
C LEU B 50 5.29 20.78 -12.60
N VAL B 51 6.47 20.77 -13.19
CA VAL B 51 7.62 21.38 -12.47
C VAL B 51 7.35 22.82 -12.01
N ARG B 52 6.85 23.66 -12.92
CA ARG B 52 6.60 25.07 -12.59
C ARG B 52 5.58 25.21 -11.50
N ALA B 53 4.55 24.35 -11.50
CA ALA B 53 3.54 24.39 -10.41
C ALA B 53 4.19 24.02 -9.07
N ALA B 54 5.08 23.04 -9.11
CA ALA B 54 5.71 22.55 -7.88
C ALA B 54 6.65 23.66 -7.32
N LYS B 55 7.40 24.27 -8.23
CA LYS B 55 8.32 25.34 -7.90
C LYS B 55 7.69 26.53 -7.24
N ARG B 56 6.45 26.86 -7.57
CA ARG B 56 5.86 28.04 -6.93
C ARG B 56 5.40 27.91 -5.48
N VAL B 57 5.41 26.68 -4.93
CA VAL B 57 5.10 26.48 -3.52
C VAL B 57 6.23 27.06 -2.68
N PRO B 58 5.92 28.01 -1.75
CA PRO B 58 7.03 28.64 -0.98
C PRO B 58 7.84 27.62 -0.19
N GLY B 59 9.16 27.76 -0.21
CA GLY B 59 10.01 26.76 0.46
C GLY B 59 10.17 25.45 -0.28
N SER B 60 9.69 25.37 -1.52
CA SER B 60 9.71 24.08 -2.28
C SER B 60 11.12 23.66 -2.59
N VAL B 61 11.32 22.35 -2.50
CA VAL B 61 12.40 21.73 -3.25
C VAL B 61 11.71 20.65 -4.13
N VAL B 62 12.09 20.63 -5.42
CA VAL B 62 11.38 19.86 -6.43
C VAL B 62 12.17 18.60 -6.72
N VAL B 63 11.48 17.45 -6.57
CA VAL B 63 12.03 16.17 -6.85
C VAL B 63 11.33 15.67 -8.11
N VAL B 64 12.10 15.42 -9.18
CA VAL B 64 11.54 14.84 -10.39
C VAL B 64 12.03 13.40 -10.49
N SER B 65 11.09 12.42 -10.56
CA SER B 65 11.58 11.06 -10.63
C SER B 65 11.52 10.76 -12.13
N ILE B 66 12.39 9.88 -12.60
CA ILE B 66 12.41 9.52 -14.00
C ILE B 66 12.66 8.04 -13.93
N PHE B 67 11.67 7.26 -14.33
CA PHE B 67 11.76 5.83 -14.15
C PHE B 67 10.76 5.22 -15.12
N VAL B 68 11.20 4.31 -15.99
CA VAL B 68 10.27 3.67 -16.90
C VAL B 68 9.78 2.41 -16.20
N ASN B 69 8.49 2.43 -15.87
CA ASN B 69 7.91 1.43 -15.01
C ASN B 69 7.56 0.23 -15.86
N PRO B 70 8.34 -0.89 -15.73
CA PRO B 70 8.11 -2.04 -16.63
C PRO B 70 6.75 -2.69 -16.36
N MET B 71 6.17 -2.38 -15.19
CA MET B 71 4.92 -2.96 -14.69
C MET B 71 3.63 -2.34 -15.26
N GLN B 72 3.71 -1.08 -15.70
CA GLN B 72 2.61 -0.37 -16.41
C GLN B 72 2.75 -0.47 -17.92
N THR B 85 16.21 10.27 -23.96
CA THR B 85 17.63 10.49 -23.65
C THR B 85 17.80 11.12 -22.23
N PRO B 86 18.56 10.41 -21.36
CA PRO B 86 18.82 10.83 -19.97
C PRO B 86 19.34 12.27 -19.89
N ASP B 87 20.47 12.53 -20.58
CA ASP B 87 21.16 13.83 -20.66
C ASP B 87 20.23 15.00 -21.02
N ASP B 88 19.40 14.79 -22.03
CA ASP B 88 18.47 15.83 -22.47
C ASP B 88 17.41 16.18 -21.38
N ASP B 89 16.83 15.12 -20.79
CA ASP B 89 15.88 15.28 -19.69
C ASP B 89 16.51 16.09 -18.57
N LEU B 90 17.73 15.70 -18.19
CA LEU B 90 18.46 16.32 -17.10
C LEU B 90 18.78 17.80 -17.36
N ALA B 91 19.13 18.11 -18.62
CA ALA B 91 19.36 19.49 -19.02
C ALA B 91 18.10 20.36 -18.91
N GLN B 92 16.96 19.80 -19.33
CA GLN B 92 15.66 20.48 -19.15
C GLN B 92 15.37 20.76 -17.67
N LEU B 93 15.61 19.79 -16.80
CA LEU B 93 15.36 19.99 -15.35
C LEU B 93 16.32 21.08 -14.75
N ARG B 94 17.57 21.05 -15.17
CA ARG B 94 18.57 22.05 -14.84
C ARG B 94 18.12 23.42 -15.23
N ALA B 95 17.71 23.57 -16.46
CA ALA B 95 17.21 24.85 -16.94
C ALA B 95 15.94 25.28 -16.18
N GLU B 96 15.15 24.35 -15.63
CA GLU B 96 14.00 24.76 -14.84
C GLU B 96 14.32 25.11 -13.39
N GLY B 97 15.58 24.89 -12.99
CA GLY B 97 16.04 25.03 -11.60
C GLY B 97 15.58 23.98 -10.60
N VAL B 98 15.33 22.76 -11.08
CA VAL B 98 14.95 21.64 -10.23
C VAL B 98 16.22 21.24 -9.49
N GLU B 99 16.14 20.99 -8.17
CA GLU B 99 17.36 20.62 -7.39
C GLU B 99 17.56 19.14 -7.20
N ILE B 100 16.53 18.32 -7.41
CA ILE B 100 16.74 16.87 -7.29
C ILE B 100 16.09 16.07 -8.42
N ALA B 101 16.86 15.21 -9.08
CA ALA B 101 16.32 14.19 -9.97
C ALA B 101 16.56 12.82 -9.37
N PHE B 102 15.58 11.94 -9.43
CA PHE B 102 15.69 10.62 -8.82
C PHE B 102 15.57 9.58 -9.98
N THR B 103 16.68 8.91 -10.30
CA THR B 103 16.78 8.10 -11.50
C THR B 103 17.12 6.63 -11.17
N PRO B 104 16.14 5.88 -10.56
CA PRO B 104 16.48 4.52 -10.09
C PRO B 104 16.54 3.50 -11.23
N THR B 105 17.29 2.40 -11.05
CA THR B 105 17.21 1.30 -11.96
C THR B 105 15.95 0.47 -11.67
N THR B 106 15.57 -0.40 -12.62
CA THR B 106 14.52 -1.39 -12.36
C THR B 106 14.89 -2.27 -11.19
N ALA B 107 16.15 -2.69 -11.12
CA ALA B 107 16.55 -3.57 -10.04
C ALA B 107 16.44 -2.85 -8.68
N ALA B 108 16.71 -1.55 -8.65
CA ALA B 108 16.67 -0.85 -7.38
C ALA B 108 15.21 -0.70 -6.92
N MET B 109 14.31 -0.52 -7.88
CA MET B 109 12.85 -0.41 -7.62
C MET B 109 12.17 -1.76 -7.36
N TYR B 110 12.63 -2.85 -8.03
CA TYR B 110 11.98 -4.14 -7.83
C TYR B 110 13.01 -5.21 -7.37
N PRO B 111 13.68 -4.99 -6.21
CA PRO B 111 14.77 -5.90 -5.88
C PRO B 111 14.32 -7.32 -5.58
N ASP B 112 13.01 -7.53 -5.37
CA ASP B 112 12.55 -8.85 -5.07
C ASP B 112 11.60 -9.23 -6.13
N GLY B 113 11.71 -8.56 -7.28
CA GLY B 113 10.74 -8.79 -8.37
C GLY B 113 9.34 -8.23 -8.05
N LEU B 114 8.32 -8.80 -8.68
CA LEU B 114 6.97 -8.38 -8.49
C LEU B 114 6.40 -9.29 -7.40
N ARG B 115 6.17 -8.68 -6.24
CA ARG B 115 5.73 -9.49 -5.14
C ARG B 115 4.46 -8.84 -4.52
N THR B 116 4.60 -7.99 -3.49
CA THR B 116 3.41 -7.30 -2.94
C THR B 116 3.11 -6.19 -3.96
N THR B 117 1.84 -6.06 -4.35
CA THR B 117 1.50 -4.98 -5.29
C THR B 117 0.16 -4.29 -4.84
N VAL B 118 -0.19 -3.16 -5.47
CA VAL B 118 -1.45 -2.51 -5.15
C VAL B 118 -2.52 -3.07 -6.13
N GLN B 119 -3.67 -3.41 -5.58
CA GLN B 119 -4.80 -3.83 -6.40
C GLN B 119 -5.79 -2.63 -6.41
N PRO B 120 -5.88 -1.93 -7.53
CA PRO B 120 -6.88 -0.84 -7.63
C PRO B 120 -8.33 -1.28 -7.47
N GLY B 121 -9.20 -0.33 -7.18
CA GLY B 121 -10.64 -0.60 -7.20
C GLY B 121 -11.10 -0.80 -8.66
N PRO B 122 -12.41 -1.02 -8.84
CA PRO B 122 -13.09 -1.45 -10.10
C PRO B 122 -13.01 -0.36 -11.19
N LEU B 123 -12.75 0.89 -10.82
CA LEU B 123 -12.43 1.91 -11.86
C LEU B 123 -11.29 1.52 -12.77
N ALA B 124 -10.33 0.74 -12.28
CA ALA B 124 -9.16 0.42 -13.05
C ALA B 124 -9.50 -0.57 -14.22
N ALA B 125 -10.67 -1.18 -14.16
CA ALA B 125 -11.17 -2.14 -15.19
C ALA B 125 -11.86 -1.37 -16.32
N GLU B 126 -12.09 -0.08 -16.12
CA GLU B 126 -12.94 0.67 -17.08
C GLU B 126 -12.08 1.51 -17.98
N LEU B 127 -12.68 2.00 -19.10
CA LEU B 127 -12.03 3.03 -19.93
C LEU B 127 -10.61 2.58 -20.36
N GLU B 128 -9.50 3.17 -19.89
CA GLU B 128 -8.16 2.71 -20.31
C GLU B 128 -7.89 1.28 -19.87
N GLY B 129 -8.58 0.86 -18.81
CA GLY B 129 -8.38 -0.49 -18.22
C GLY B 129 -9.03 -1.59 -19.05
N GLY B 130 -9.85 -1.20 -20.02
CA GLY B 130 -10.33 -2.06 -21.12
C GLY B 130 -9.26 -2.81 -21.94
N PRO B 131 -8.49 -2.09 -22.81
CA PRO B 131 -7.33 -2.75 -23.47
C PRO B 131 -6.15 -3.09 -22.52
N ARG B 132 -6.01 -2.42 -21.36
CA ARG B 132 -4.89 -2.69 -20.47
C ARG B 132 -5.33 -2.93 -19.01
N PRO B 133 -5.87 -4.13 -18.70
CA PRO B 133 -6.46 -4.49 -17.41
C PRO B 133 -5.52 -4.48 -16.17
N THR B 134 -4.20 -4.52 -16.42
CA THR B 134 -3.24 -4.51 -15.33
C THR B 134 -2.47 -3.20 -15.33
N HIS B 135 -2.78 -2.27 -16.26
CA HIS B 135 -1.96 -1.07 -16.43
C HIS B 135 -1.97 -0.30 -15.09
N PHE B 136 -3.16 -0.08 -14.56
CA PHE B 136 -3.27 0.79 -13.37
C PHE B 136 -2.69 0.20 -12.06
N ALA B 137 -2.70 -1.13 -11.90
CA ALA B 137 -2.01 -1.84 -10.78
C ALA B 137 -0.55 -1.43 -10.83
N GLY B 138 0.04 -1.42 -12.03
CA GLY B 138 1.45 -1.06 -12.19
C GLY B 138 1.69 0.40 -11.80
N VAL B 139 0.89 1.33 -12.34
CA VAL B 139 1.03 2.75 -11.98
C VAL B 139 0.84 3.00 -10.43
N LEU B 140 -0.27 2.50 -9.88
CA LEU B 140 -0.49 2.70 -8.43
C LEU B 140 0.64 2.09 -7.58
N THR B 141 1.16 0.92 -7.96
CA THR B 141 2.29 0.29 -7.24
C THR B 141 3.50 1.20 -7.28
N VAL B 142 3.92 1.66 -8.46
N VAL B 142 3.91 1.68 -8.48
CA VAL B 142 5.10 2.52 -8.46
CA VAL B 142 5.07 2.58 -8.54
C VAL B 142 4.89 3.88 -7.81
C VAL B 142 4.89 3.88 -7.82
N VAL B 143 3.68 4.45 -7.96
CA VAL B 143 3.34 5.68 -7.29
C VAL B 143 3.42 5.54 -5.76
N LEU B 144 2.83 4.49 -5.22
CA LEU B 144 2.91 4.24 -3.77
C LEU B 144 4.40 4.16 -3.31
N LYS B 145 5.20 3.41 -4.03
CA LYS B 145 6.62 3.32 -3.75
C LYS B 145 7.32 4.65 -3.79
N LEU B 146 7.08 5.46 -4.79
CA LEU B 146 7.77 6.74 -4.88
C LEU B 146 7.36 7.64 -3.76
N LEU B 147 6.05 7.62 -3.40
CA LEU B 147 5.59 8.40 -2.24
C LEU B 147 6.30 8.00 -0.95
N GLN B 148 6.56 6.71 -0.78
CA GLN B 148 7.20 6.22 0.46
C GLN B 148 8.70 6.51 0.45
N ILE B 149 9.33 6.49 -0.74
CA ILE B 149 10.79 6.77 -0.81
C ILE B 149 11.00 8.29 -0.55
N VAL B 150 10.25 9.12 -1.22
CA VAL B 150 10.54 10.58 -1.25
C VAL B 150 9.79 11.30 -0.15
N ARG B 151 8.64 10.72 0.27
CA ARG B 151 7.74 11.30 1.28
C ARG B 151 7.52 12.83 1.04
N PRO B 152 6.97 13.20 -0.12
CA PRO B 152 6.72 14.60 -0.42
C PRO B 152 5.51 15.12 0.34
N ASP B 153 5.51 16.44 0.53
CA ASP B 153 4.32 17.13 0.94
C ASP B 153 3.23 17.16 -0.13
N ARG B 154 3.64 17.39 -1.39
CA ARG B 154 2.69 17.42 -2.47
C ARG B 154 3.25 16.65 -3.68
N VAL B 155 2.34 15.97 -4.37
CA VAL B 155 2.67 15.24 -5.58
C VAL B 155 1.82 15.72 -6.77
N PHE B 156 2.47 15.88 -7.92
CA PHE B 156 1.92 16.64 -9.05
C PHE B 156 1.71 15.67 -10.22
N PHE B 157 0.50 15.66 -10.74
CA PHE B 157 0.17 14.83 -11.92
C PHE B 157 -0.64 15.67 -12.91
N GLY B 158 -0.51 15.36 -14.20
CA GLY B 158 -1.18 16.10 -15.23
C GLY B 158 -2.62 15.57 -15.33
N GLU B 159 -3.55 16.46 -15.60
CA GLU B 159 -4.96 16.09 -15.92
C GLU B 159 -5.12 15.33 -17.23
N LYS B 160 -4.07 15.28 -18.05
CA LYS B 160 -4.24 14.62 -19.33
C LYS B 160 -4.52 13.15 -19.10
N ASP B 161 -3.86 12.55 -18.11
CA ASP B 161 -4.21 11.15 -17.77
C ASP B 161 -5.17 11.21 -16.59
N TYR B 162 -6.38 11.60 -16.93
CA TYR B 162 -7.42 11.90 -15.93
C TYR B 162 -7.79 10.67 -15.08
N GLN B 163 -8.04 9.53 -15.72
CA GLN B 163 -8.40 8.36 -14.99
C GLN B 163 -7.27 7.92 -14.05
N GLN B 164 -6.03 8.01 -14.52
CA GLN B 164 -4.91 7.79 -13.67
C GLN B 164 -4.94 8.70 -12.44
N LEU B 165 -5.21 9.98 -12.64
CA LEU B 165 -5.20 10.89 -11.55
C LEU B 165 -6.29 10.52 -10.54
N VAL B 166 -7.46 10.20 -11.03
CA VAL B 166 -8.57 9.79 -10.13
C VAL B 166 -8.17 8.58 -9.32
N LEU B 167 -7.53 7.61 -9.97
CA LEU B 167 -7.09 6.39 -9.28
C LEU B 167 -6.03 6.67 -8.24
N ILE B 168 -5.12 7.59 -8.55
N ILE B 168 -5.13 7.61 -8.52
CA ILE B 168 -4.16 8.06 -7.53
CA ILE B 168 -4.14 8.02 -7.48
C ILE B 168 -4.90 8.63 -6.32
C ILE B 168 -4.79 8.76 -6.29
N ARG B 169 -5.86 9.53 -6.56
CA ARG B 169 -6.57 10.12 -5.44
CA ARG B 169 -6.59 10.13 -5.46
C ARG B 169 -7.26 9.04 -4.62
N GLN B 170 -7.73 7.97 -5.27
CA GLN B 170 -8.31 6.83 -4.52
C GLN B 170 -7.27 6.10 -3.68
N LEU B 171 -6.10 5.87 -4.28
CA LEU B 171 -4.97 5.27 -3.54
C LEU B 171 -4.70 6.04 -2.28
N VAL B 172 -4.56 7.36 -2.41
CA VAL B 172 -4.18 8.23 -1.32
C VAL B 172 -5.21 8.26 -0.19
N ALA B 173 -6.47 8.36 -0.55
CA ALA B 173 -7.57 8.30 0.43
C ALA B 173 -7.67 6.90 1.05
N ASP B 174 -7.63 5.85 0.25
CA ASP B 174 -7.86 4.47 0.73
C ASP B 174 -6.76 3.95 1.63
N PHE B 175 -5.52 4.42 1.42
CA PHE B 175 -4.40 3.97 2.22
C PHE B 175 -3.96 5.04 3.23
N ASN B 176 -4.77 6.10 3.42
CA ASN B 176 -4.53 7.12 4.48
C ASN B 176 -3.18 7.78 4.28
N LEU B 177 -2.82 7.96 3.01
CA LEU B 177 -1.51 8.60 2.74
C LEU B 177 -1.53 10.09 3.05
N ASP B 178 -0.44 10.54 3.67
CA ASP B 178 -0.38 11.97 4.09
C ASP B 178 0.39 12.82 3.03
N VAL B 179 -0.22 12.97 1.85
CA VAL B 179 0.29 13.79 0.76
C VAL B 179 -0.91 14.45 0.09
N ALA B 180 -0.70 15.67 -0.39
CA ALA B 180 -1.71 16.44 -1.17
C ALA B 180 -1.46 16.06 -2.66
N VAL B 181 -2.51 15.63 -3.36
CA VAL B 181 -2.36 15.28 -4.80
C VAL B 181 -2.80 16.50 -5.56
N VAL B 182 -1.96 17.00 -6.46
CA VAL B 182 -2.28 18.22 -7.19
C VAL B 182 -2.38 17.85 -8.65
N GLY B 183 -3.54 18.14 -9.21
CA GLY B 183 -3.79 17.91 -10.64
C GLY B 183 -3.49 19.21 -11.41
N VAL B 184 -2.75 19.12 -12.52
CA VAL B 184 -2.34 20.33 -13.25
C VAL B 184 -2.95 20.24 -14.65
N PRO B 185 -3.62 21.33 -15.11
CA PRO B 185 -4.31 21.33 -16.44
C PRO B 185 -3.39 20.90 -17.59
N THR B 186 -4.00 20.18 -18.52
CA THR B 186 -3.31 19.71 -19.72
C THR B 186 -2.68 20.83 -20.51
N VAL B 187 -1.44 20.65 -20.89
CA VAL B 187 -0.77 21.62 -21.73
C VAL B 187 -1.07 21.16 -23.17
N ARG B 188 -1.36 22.14 -24.01
CA ARG B 188 -1.77 21.86 -25.42
C ARG B 188 -0.94 22.62 -26.44
N GLU B 189 -0.85 22.06 -27.62
N GLU B 189 -0.79 22.03 -27.59
CA GLU B 189 -0.27 22.72 -28.78
CA GLU B 189 -0.16 22.66 -28.74
C GLU B 189 -1.19 23.85 -29.14
C GLU B 189 -1.15 23.76 -29.19
N ALA B 190 -0.74 24.66 -30.09
CA ALA B 190 -1.50 25.86 -30.44
C ALA B 190 -2.92 25.55 -30.92
N ASP B 191 -3.09 24.42 -31.63
CA ASP B 191 -4.41 24.08 -32.11
C ASP B 191 -5.32 23.27 -31.17
N GLY B 192 -4.82 23.04 -29.94
CA GLY B 192 -5.54 22.40 -28.87
C GLY B 192 -5.13 20.93 -28.63
N LEU B 193 -4.31 20.33 -29.51
CA LEU B 193 -3.93 18.90 -29.32
C LEU B 193 -3.11 18.75 -28.00
N ALA B 194 -3.56 17.83 -27.13
CA ALA B 194 -2.91 17.67 -25.81
C ALA B 194 -1.46 17.20 -26.02
N MET B 195 -0.48 17.83 -25.37
CA MET B 195 0.90 17.36 -25.56
C MET B 195 1.10 15.95 -25.05
N SER B 196 1.86 15.17 -25.80
CA SER B 196 2.14 13.80 -25.46
C SER B 196 3.35 13.43 -26.30
N SER B 197 4.26 12.59 -25.78
CA SER B 197 5.41 12.16 -26.62
C SER B 197 4.93 11.33 -27.84
N ARG B 198 3.70 10.84 -27.81
CA ARG B 198 3.18 10.10 -28.96
C ARG B 198 2.86 10.95 -30.20
N ASN B 199 2.71 12.26 -30.02
CA ASN B 199 2.30 13.14 -31.10
C ASN B 199 3.28 13.12 -32.26
N ARG B 200 4.54 12.87 -31.93
CA ARG B 200 5.63 12.87 -32.92
C ARG B 200 5.52 11.72 -33.93
N TYR B 201 4.75 10.67 -33.61
CA TYR B 201 4.62 9.55 -34.54
C TYR B 201 3.57 9.78 -35.59
N LEU B 202 2.74 10.80 -35.38
CA LEU B 202 1.63 11.13 -36.30
C LEU B 202 2.15 11.68 -37.62
N ASP B 203 1.73 11.08 -38.74
CA ASP B 203 2.07 11.67 -40.04
C ASP B 203 1.18 12.89 -40.29
N PRO B 204 1.42 13.65 -41.36
CA PRO B 204 0.73 14.95 -41.46
C PRO B 204 -0.82 14.88 -41.48
N ALA B 205 -1.36 13.84 -42.14
CA ALA B 205 -2.79 13.65 -42.28
C ALA B 205 -3.34 13.25 -40.86
N GLN B 206 -2.58 12.45 -40.12
CA GLN B 206 -3.07 11.98 -38.82
C GLN B 206 -2.97 13.15 -37.85
N ARG B 207 -1.91 13.92 -37.99
CA ARG B 207 -1.73 15.08 -37.08
C ARG B 207 -2.83 16.10 -37.31
N ALA B 208 -3.20 16.34 -38.55
CA ALA B 208 -4.29 17.27 -38.84
C ALA B 208 -5.60 16.69 -38.29
N ALA B 209 -5.85 15.39 -38.47
CA ALA B 209 -7.12 14.81 -37.97
C ALA B 209 -7.19 14.76 -36.45
N ALA B 210 -6.04 14.59 -35.76
CA ALA B 210 -5.95 14.47 -34.27
C ALA B 210 -6.51 15.68 -33.52
N VAL B 211 -6.57 16.84 -34.18
N VAL B 211 -6.54 16.83 -34.21
CA VAL B 211 -7.16 18.05 -33.58
CA VAL B 211 -7.14 18.06 -33.68
C VAL B 211 -8.66 17.87 -33.30
C VAL B 211 -8.60 17.79 -33.23
N ALA B 212 -9.29 16.86 -33.92
CA ALA B 212 -10.76 16.57 -33.65
C ALA B 212 -10.96 16.16 -32.21
N LEU B 213 -9.96 15.53 -31.54
CA LEU B 213 -10.19 15.15 -30.14
C LEU B 213 -10.44 16.39 -29.25
N SER B 214 -9.52 17.34 -29.26
CA SER B 214 -9.73 18.53 -28.48
C SER B 214 -10.88 19.40 -28.96
N ALA B 215 -11.03 19.47 -30.26
CA ALA B 215 -12.13 20.29 -30.86
C ALA B 215 -13.49 19.70 -30.41
N ALA B 216 -13.62 18.35 -30.36
CA ALA B 216 -14.85 17.69 -29.97
C ALA B 216 -15.15 18.03 -28.50
N LEU B 217 -14.10 17.93 -27.70
CA LEU B 217 -14.30 18.16 -26.27
C LEU B 217 -14.64 19.59 -25.93
N THR B 218 -13.94 20.56 -26.50
CA THR B 218 -14.26 21.97 -26.23
CA THR B 218 -14.25 21.96 -26.21
C THR B 218 -15.65 22.36 -26.81
N ALA B 219 -16.01 21.81 -27.98
CA ALA B 219 -17.34 22.01 -28.54
C ALA B 219 -18.37 21.50 -27.49
N ALA B 220 -18.15 20.30 -26.95
CA ALA B 220 -19.09 19.72 -25.95
C ALA B 220 -19.19 20.57 -24.72
N ALA B 221 -18.06 21.13 -24.24
CA ALA B 221 -18.04 21.91 -23.03
C ALA B 221 -18.93 23.15 -23.21
N HIS B 222 -18.87 23.77 -24.40
CA HIS B 222 -19.78 24.90 -24.69
C HIS B 222 -21.21 24.51 -25.08
N ALA B 223 -21.40 23.34 -25.66
CA ALA B 223 -22.74 22.89 -26.01
C ALA B 223 -23.46 22.52 -24.71
N ALA B 224 -22.72 22.26 -23.63
CA ALA B 224 -23.34 21.73 -22.36
C ALA B 224 -24.42 22.64 -21.66
N THR B 225 -24.49 23.93 -21.99
CA THR B 225 -25.61 24.81 -21.55
C THR B 225 -26.93 24.26 -22.07
N ALA B 226 -26.90 23.48 -23.16
CA ALA B 226 -28.11 22.89 -23.69
C ALA B 226 -28.30 21.42 -23.16
N GLY B 227 -27.43 21.01 -22.22
CA GLY B 227 -27.61 19.77 -21.50
C GLY B 227 -26.65 18.66 -21.98
N ALA B 228 -26.82 17.49 -21.37
CA ALA B 228 -25.80 16.44 -21.48
C ALA B 228 -25.85 15.81 -22.87
N GLN B 229 -27.06 15.56 -23.39
CA GLN B 229 -27.14 14.92 -24.69
C GLN B 229 -26.63 15.86 -25.83
N ALA B 230 -26.91 17.15 -25.73
CA ALA B 230 -26.38 18.13 -26.70
C ALA B 230 -24.84 18.15 -26.67
N ALA B 231 -24.26 18.02 -25.50
CA ALA B 231 -22.80 18.04 -25.34
C ALA B 231 -22.21 16.80 -26.02
N LEU B 232 -22.78 15.64 -25.70
CA LEU B 232 -22.25 14.38 -26.31
C LEU B 232 -22.51 14.38 -27.80
N ASP B 233 -23.63 14.88 -28.24
CA ASP B 233 -23.93 14.86 -29.67
C ASP B 233 -23.00 15.84 -30.42
N ALA B 234 -22.68 16.99 -29.81
CA ALA B 234 -21.70 17.94 -30.44
C ALA B 234 -20.33 17.27 -30.54
N ALA B 235 -19.84 16.61 -29.47
CA ALA B 235 -18.55 15.93 -29.54
C ALA B 235 -18.55 14.84 -30.62
N ARG B 236 -19.62 14.04 -30.71
N ARG B 236 -19.64 14.07 -30.70
N ARG B 236 -19.64 14.06 -30.67
CA ARG B 236 -19.60 12.96 -31.72
CA ARG B 236 -19.72 12.97 -31.68
CA ARG B 236 -19.78 12.99 -31.66
C ARG B 236 -19.57 13.54 -33.13
C ARG B 236 -19.73 13.46 -33.14
C ARG B 236 -19.59 13.55 -33.07
N ALA B 237 -20.31 14.63 -33.35
CA ALA B 237 -20.38 15.24 -34.68
C ALA B 237 -18.97 15.67 -35.13
N VAL B 238 -18.21 16.29 -34.21
CA VAL B 238 -16.85 16.72 -34.56
C VAL B 238 -15.95 15.48 -34.84
N LEU B 239 -16.06 14.44 -34.01
CA LEU B 239 -15.26 13.21 -34.28
C LEU B 239 -15.67 12.55 -35.61
N ASP B 240 -16.97 12.59 -35.90
CA ASP B 240 -17.54 12.09 -37.18
C ASP B 240 -17.02 12.90 -38.41
N ALA B 241 -16.51 14.12 -38.22
CA ALA B 241 -16.03 14.94 -39.34
C ALA B 241 -14.54 14.60 -39.65
N ALA B 242 -13.89 13.77 -38.85
CA ALA B 242 -12.48 13.49 -39.09
C ALA B 242 -12.27 12.14 -39.76
N PRO B 243 -11.34 12.09 -40.74
CA PRO B 243 -10.99 10.79 -41.34
C PRO B 243 -9.92 10.01 -40.49
N GLY B 244 -9.99 8.66 -40.46
CA GLY B 244 -8.92 7.85 -39.89
C GLY B 244 -8.83 7.98 -38.35
N VAL B 245 -9.93 8.32 -37.70
CA VAL B 245 -9.92 8.50 -36.24
C VAL B 245 -10.86 7.47 -35.66
N ALA B 246 -10.26 6.39 -35.17
CA ALA B 246 -11.10 5.25 -34.68
C ALA B 246 -11.39 5.49 -33.19
N VAL B 247 -12.63 5.84 -32.84
CA VAL B 247 -12.94 6.22 -31.47
C VAL B 247 -13.12 4.97 -30.61
N ASP B 248 -12.32 4.85 -29.54
CA ASP B 248 -12.49 3.66 -28.66
C ASP B 248 -13.58 3.93 -27.64
N TYR B 249 -13.65 5.16 -27.09
CA TYR B 249 -14.77 5.50 -26.20
C TYR B 249 -14.95 7.04 -26.19
N LEU B 250 -16.11 7.49 -25.82
CA LEU B 250 -16.37 8.92 -25.63
C LEU B 250 -17.45 8.88 -24.49
N GLU B 251 -17.04 9.20 -23.27
N GLU B 251 -17.07 9.33 -23.31
CA GLU B 251 -17.95 9.04 -22.13
CA GLU B 251 -17.84 9.05 -22.12
C GLU B 251 -17.93 10.24 -21.23
C GLU B 251 -17.92 10.25 -21.20
N LEU B 252 -19.13 10.57 -20.75
CA LEU B 252 -19.36 11.67 -19.80
C LEU B 252 -19.59 11.01 -18.46
N ARG B 253 -18.81 11.41 -17.46
CA ARG B 253 -18.87 10.79 -16.12
C ARG B 253 -18.89 11.90 -15.12
N ASP B 254 -19.07 11.57 -13.82
CA ASP B 254 -18.96 12.66 -12.80
C ASP B 254 -17.50 12.90 -12.57
N ILE B 255 -17.14 13.87 -11.74
CA ILE B 255 -15.76 14.22 -11.69
C ILE B 255 -14.90 13.14 -11.06
N GLY B 256 -15.52 12.22 -10.30
CA GLY B 256 -14.75 11.08 -9.75
C GLY B 256 -14.84 9.83 -10.60
N LEU B 257 -15.41 9.96 -11.80
CA LEU B 257 -15.59 8.89 -12.82
C LEU B 257 -16.68 7.87 -12.56
N GLY B 258 -17.57 8.17 -11.60
CA GLY B 258 -18.80 7.43 -11.51
C GLY B 258 -19.76 7.95 -12.55
N PRO B 259 -21.03 7.52 -12.46
CA PRO B 259 -22.05 7.89 -13.42
C PRO B 259 -22.34 9.39 -13.41
N MET B 260 -22.61 9.94 -14.58
CA MET B 260 -22.88 11.38 -14.64
C MET B 260 -24.22 11.67 -13.97
N PRO B 261 -24.24 12.64 -13.02
CA PRO B 261 -25.51 12.95 -12.35
C PRO B 261 -26.39 13.83 -13.26
N LEU B 262 -27.68 13.92 -12.97
CA LEU B 262 -28.59 14.70 -13.81
C LEU B 262 -28.08 16.10 -14.24
N ASN B 263 -27.58 16.90 -13.31
CA ASN B 263 -26.74 18.05 -13.68
C ASN B 263 -25.56 18.20 -12.73
N GLY B 264 -24.82 19.28 -12.86
CA GLY B 264 -23.66 19.48 -12.00
C GLY B 264 -22.38 19.25 -12.80
N SER B 265 -21.30 18.96 -12.10
CA SER B 265 -19.99 18.95 -12.76
C SER B 265 -19.70 17.56 -13.23
N GLY B 266 -19.05 17.49 -14.37
CA GLY B 266 -18.61 16.19 -14.84
C GLY B 266 -17.33 16.26 -15.62
N ARG B 267 -17.01 15.15 -16.23
CA ARG B 267 -15.79 15.11 -17.06
C ARG B 267 -16.13 14.34 -18.29
N LEU B 268 -15.72 14.84 -19.45
CA LEU B 268 -15.95 14.09 -20.73
C LEU B 268 -14.60 13.57 -21.21
N LEU B 269 -14.51 12.26 -21.46
CA LEU B 269 -13.26 11.60 -21.81
C LEU B 269 -13.33 10.95 -23.20
N VAL B 270 -12.25 11.03 -23.94
CA VAL B 270 -12.26 10.33 -25.26
C VAL B 270 -10.97 9.59 -25.44
N ALA B 271 -10.99 8.50 -26.24
CA ALA B 271 -9.74 7.89 -26.62
C ALA B 271 -9.94 7.44 -28.06
N ALA B 272 -8.89 7.55 -28.86
CA ALA B 272 -8.99 7.12 -30.29
C ALA B 272 -7.68 6.63 -30.81
N ARG B 273 -7.73 5.84 -31.87
CA ARG B 273 -6.53 5.35 -32.51
C ARG B 273 -6.40 5.97 -33.86
N LEU B 274 -5.23 6.55 -34.13
CA LEU B 274 -4.93 7.03 -35.45
C LEU B 274 -3.79 6.16 -35.97
N GLY B 275 -4.08 5.23 -36.87
CA GLY B 275 -3.01 4.34 -37.36
C GLY B 275 -2.72 3.47 -36.17
N THR B 276 -1.47 3.46 -35.75
CA THR B 276 -1.06 2.64 -34.64
C THR B 276 -0.99 3.47 -33.33
N THR B 277 -1.27 4.76 -33.42
CA THR B 277 -1.06 5.66 -32.26
C THR B 277 -2.40 5.86 -31.49
N ARG B 278 -2.41 5.57 -30.19
CA ARG B 278 -3.57 5.81 -29.33
C ARG B 278 -3.47 7.18 -28.64
N LEU B 279 -4.49 8.04 -28.85
CA LEU B 279 -4.47 9.38 -28.25
C LEU B 279 -5.57 9.47 -27.22
N LEU B 280 -5.36 10.23 -26.16
CA LEU B 280 -6.49 10.39 -25.18
C LEU B 280 -6.69 11.90 -24.93
N ASP B 281 -7.85 12.32 -24.45
CA ASP B 281 -8.05 13.69 -24.05
C ASP B 281 -9.27 13.69 -23.15
N ASN B 282 -9.44 14.74 -22.34
CA ASN B 282 -10.61 14.85 -21.47
C ASN B 282 -10.79 16.34 -21.10
N ILE B 283 -11.99 16.67 -20.66
CA ILE B 283 -12.26 18.08 -20.33
C ILE B 283 -13.33 18.16 -19.26
N ALA B 284 -13.27 19.22 -18.44
CA ALA B 284 -14.36 19.52 -17.47
C ALA B 284 -15.61 19.87 -18.25
N ILE B 285 -16.74 19.43 -17.75
CA ILE B 285 -18.03 19.75 -18.33
C ILE B 285 -18.98 20.26 -17.19
N GLU B 286 -19.79 21.29 -17.45
CA GLU B 286 -20.73 21.75 -16.40
C GLU B 286 -22.10 21.57 -17.01
N ILE B 287 -22.88 20.66 -16.47
CA ILE B 287 -24.14 20.36 -17.14
C ILE B 287 -25.21 21.42 -16.92
N GLY B 288 -25.59 22.08 -18.05
CA GLY B 288 -26.48 23.25 -18.09
C GLY B 288 -25.96 24.40 -17.24
#